data_6WBA
#
_entry.id   6WBA
#
_cell.length_a   78.389
_cell.length_b   90.354
_cell.length_c   99.333
_cell.angle_alpha   90.000
_cell.angle_beta   90.000
_cell.angle_gamma   90.000
#
_symmetry.space_group_name_H-M   'P 21 21 21'
#
loop_
_entity.id
_entity.type
_entity.pdbx_description
1 polymer 'Importin subunit alpha-1'
2 polymer 'DNA mismatch repair protein Mlh1'
3 water water
#
loop_
_entity_poly.entity_id
_entity_poly.type
_entity_poly.pdbx_seq_one_letter_code
_entity_poly.pdbx_strand_id
1 'polypeptide(L)'
;NQGTVNWSVEDIVKGINSNNLESQLQATQAARKLLSREKQPPIDNIIRAGLIPKFVSFLGKTDCSPIQFESAWALTNIAS
GTSEQTKAVVDGGAIPAFISLLASPHAHISEQAVWALGNIAGDGSAFRDLVIKHGAIDPLLALLAVPDLSTLACGYLRNL
TWTLSNLCRNKNPAPPLDAVEQILPTLVRLLHHNDPEVLADSCWAISYLTDGPNERIEMVVKKGVVPQLVKLLGATELPI
VTPALRAIGNIVTGTDEQTQKVIDAGALAVFPSLLTNPKTNIQKEATWTMSNITAGRQDQIQQVVNHGLVPFLVGVLSKA
DFKTQKEAAWAITNYTSGGTVEQIVYLVHCGIIEPLMNLLSAKDTKIIQVILDAISNIFQAAEKLGETEKLSIMIEECGG
LDKIEALQRHENESVYKASLNLIEKYFSVEEEEDQNVVPETTSEGFAFQVQDGAPGTFNF
;
A
2 'polypeptide(L)' SSNPAKRHRED C,B
#
# COMPACT_ATOMS: atom_id res chain seq x y z
N GLY A 3 -11.62 16.53 38.42
CA GLY A 3 -11.60 15.25 39.10
C GLY A 3 -10.32 14.46 38.82
N THR A 4 -10.20 13.97 37.59
CA THR A 4 -8.99 13.29 37.14
C THR A 4 -8.28 14.06 36.02
N VAL A 5 -8.56 15.35 35.91
CA VAL A 5 -8.00 16.19 34.85
C VAL A 5 -6.72 16.86 35.35
N ASN A 6 -5.65 16.73 34.57
CA ASN A 6 -4.39 17.42 34.83
C ASN A 6 -3.74 17.00 36.16
N TRP A 7 -3.66 15.69 36.37
CA TRP A 7 -2.88 15.17 37.47
C TRP A 7 -1.39 15.21 37.13
N SER A 8 -0.57 15.39 38.15
CA SER A 8 0.85 15.15 38.00
C SER A 8 1.12 13.65 37.94
N VAL A 9 2.22 13.28 37.27
CA VAL A 9 2.63 11.89 37.25
C VAL A 9 2.91 11.41 38.67
N GLU A 10 3.46 12.29 39.52
CA GLU A 10 3.68 11.95 40.91
C GLU A 10 2.40 11.53 41.61
N ASP A 11 1.33 12.32 41.42
CA ASP A 11 0.04 11.98 42.03
C ASP A 11 -0.51 10.68 41.47
N ILE A 12 -0.34 10.46 40.16
CA ILE A 12 -0.80 9.21 39.55
C ILE A 12 -0.10 8.03 40.19
N VAL A 13 1.23 8.11 40.33
CA VAL A 13 2.00 7.06 40.97
C VAL A 13 1.49 6.83 42.39
N LYS A 14 1.24 7.92 43.13
CA LYS A 14 0.77 7.82 44.51
C LYS A 14 -0.53 7.02 44.60
N GLY A 15 -1.49 7.32 43.71
CA GLY A 15 -2.76 6.61 43.75
C GLY A 15 -2.65 5.16 43.29
N ILE A 16 -1.83 4.92 42.27
CA ILE A 16 -1.68 3.56 41.74
C ILE A 16 -0.95 2.68 42.75
N ASN A 17 -0.07 3.27 43.56
CA ASN A 17 0.66 2.54 44.59
C ASN A 17 -0.09 2.43 45.91
N SER A 18 -1.20 3.17 46.09
CA SER A 18 -2.10 2.86 47.17
C SER A 18 -2.59 1.42 47.01
N ASN A 19 -2.99 0.82 48.11
CA ASN A 19 -3.63 -0.50 48.00
C ASN A 19 -5.14 -0.38 48.13
N ASN A 20 -5.67 0.61 47.41
CA ASN A 20 -7.08 0.94 47.38
C ASN A 20 -7.51 0.91 45.92
N LEU A 21 -8.33 -0.09 45.56
CA LEU A 21 -8.69 -0.28 44.16
C LEU A 21 -9.38 0.95 43.60
N GLU A 22 -10.22 1.60 44.40
CA GLU A 22 -10.89 2.81 43.92
C GLU A 22 -9.90 3.94 43.72
N SER A 23 -8.95 4.10 44.65
CA SER A 23 -7.88 5.08 44.46
C SER A 23 -7.08 4.77 43.20
N GLN A 24 -6.78 3.48 42.98
CA GLN A 24 -6.04 3.10 41.78
C GLN A 24 -6.85 3.35 40.51
N LEU A 25 -8.16 3.12 40.57
CA LEU A 25 -9.01 3.40 39.42
C LEU A 25 -8.96 4.87 39.05
N GLN A 26 -9.11 5.76 40.04
CA GLN A 26 -9.09 7.19 39.76
C GLN A 26 -7.73 7.62 39.21
N ALA A 27 -6.65 7.12 39.80
CA ALA A 27 -5.32 7.46 39.30
C ALA A 27 -5.10 6.94 37.88
N THR A 28 -5.59 5.73 37.58
CA THR A 28 -5.43 5.17 36.25
C THR A 28 -6.20 5.98 35.20
N GLN A 29 -7.44 6.36 35.53
CA GLN A 29 -8.19 7.24 34.64
C GLN A 29 -7.44 8.55 34.41
N ALA A 30 -6.82 9.10 35.46
CA ALA A 30 -6.07 10.34 35.32
C ALA A 30 -4.88 10.16 34.37
N ALA A 31 -4.20 9.01 34.46
CA ALA A 31 -3.14 8.71 33.49
C ALA A 31 -3.71 8.59 32.08
N ARG A 32 -4.86 7.94 31.95
CA ARG A 32 -5.50 7.83 30.63
C ARG A 32 -5.74 9.20 30.02
N LYS A 33 -6.19 10.16 30.84
CA LYS A 33 -6.48 11.49 30.31
C LYS A 33 -5.19 12.23 29.94
N LEU A 34 -4.15 12.11 30.76
CA LEU A 34 -2.84 12.64 30.40
C LEU A 34 -2.39 12.09 29.06
N LEU A 35 -2.48 10.77 28.89
CA LEU A 35 -2.00 10.12 27.69
C LEU A 35 -2.90 10.37 26.48
N SER A 36 -4.10 10.91 26.68
CA SER A 36 -5.06 11.15 25.62
C SER A 36 -4.89 12.50 24.95
N ARG A 37 -4.10 13.40 25.50
CA ARG A 37 -3.95 14.71 24.89
C ARG A 37 -3.08 14.61 23.64
N GLU A 38 -3.39 15.46 22.65
CA GLU A 38 -2.66 15.43 21.39
C GLU A 38 -1.30 16.12 21.48
N LYS A 39 -1.16 17.12 22.35
CA LYS A 39 0.07 17.90 22.46
C LYS A 39 1.01 17.16 23.40
N GLN A 40 1.98 16.47 22.81
CA GLN A 40 3.03 15.65 23.44
C GLN A 40 2.57 14.99 24.73
N PRO A 41 1.77 13.93 24.63
CA PRO A 41 1.44 13.12 25.80
C PRO A 41 2.70 12.60 26.46
N PRO A 42 2.80 12.73 27.79
CA PRO A 42 4.05 12.38 28.49
C PRO A 42 4.25 10.87 28.60
N ILE A 43 4.36 10.22 27.43
CA ILE A 43 4.49 8.76 27.39
C ILE A 43 5.75 8.32 28.14
N ASP A 44 6.87 9.00 27.90
CA ASP A 44 8.13 8.57 28.51
C ASP A 44 8.12 8.77 30.02
N ASN A 45 7.50 9.85 30.50
CA ASN A 45 7.43 10.07 31.94
C ASN A 45 6.60 8.98 32.61
N ILE A 46 5.49 8.58 31.97
CA ILE A 46 4.68 7.48 32.49
C ILE A 46 5.48 6.18 32.51
N ILE A 47 6.24 5.93 31.44
CA ILE A 47 7.08 4.73 31.40
C ILE A 47 8.12 4.77 32.50
N ARG A 48 8.84 5.89 32.60
CA ARG A 48 9.91 6.02 33.58
C ARG A 48 9.41 5.91 35.03
N ALA A 49 8.13 6.19 35.27
CA ALA A 49 7.58 6.04 36.61
C ALA A 49 7.25 4.58 36.94
N GLY A 50 7.49 3.65 36.01
CA GLY A 50 7.25 2.24 36.26
C GLY A 50 5.80 1.84 36.30
N LEU A 51 4.93 2.54 35.57
CA LEU A 51 3.50 2.31 35.67
C LEU A 51 2.99 1.19 34.76
N ILE A 52 3.78 0.74 33.78
CA ILE A 52 3.28 -0.22 32.80
C ILE A 52 2.96 -1.57 33.43
N PRO A 53 3.83 -2.15 34.28
CA PRO A 53 3.42 -3.40 34.96
C PRO A 53 2.12 -3.29 35.73
N LYS A 54 1.87 -2.16 36.38
CA LYS A 54 0.63 -1.99 37.12
C LYS A 54 -0.57 -1.87 36.19
N PHE A 55 -0.43 -1.12 35.10
CA PHE A 55 -1.48 -1.09 34.07
C PHE A 55 -1.78 -2.49 33.57
N VAL A 56 -0.74 -3.26 33.26
CA VAL A 56 -0.94 -4.62 32.74
C VAL A 56 -1.68 -5.47 33.77
N SER A 57 -1.28 -5.39 35.03
CA SER A 57 -1.96 -6.19 36.05
C SER A 57 -3.41 -5.75 36.21
N PHE A 58 -3.71 -4.47 35.98
CA PHE A 58 -5.10 -4.01 36.06
C PHE A 58 -5.94 -4.58 34.93
N LEU A 59 -5.32 -4.97 33.80
CA LEU A 59 -6.07 -5.58 32.71
C LEU A 59 -6.79 -6.85 33.16
N GLY A 60 -6.26 -7.51 34.19
CA GLY A 60 -6.83 -8.75 34.67
C GLY A 60 -7.85 -8.64 35.78
N LYS A 61 -8.18 -7.41 36.20
CA LYS A 61 -9.12 -7.21 37.32
C LYS A 61 -10.54 -7.32 36.76
N THR A 62 -11.01 -8.57 36.65
CA THR A 62 -12.31 -8.84 36.05
C THR A 62 -13.45 -8.24 36.86
N ASP A 63 -13.28 -8.11 38.17
CA ASP A 63 -14.33 -7.53 39.00
C ASP A 63 -14.33 -6.01 39.01
N CYS A 64 -13.36 -5.36 38.37
CA CYS A 64 -13.35 -3.90 38.23
C CYS A 64 -13.15 -3.60 36.75
N SER A 65 -14.22 -3.77 35.98
CA SER A 65 -14.14 -3.47 34.55
C SER A 65 -13.76 -2.03 34.23
N PRO A 66 -14.16 -1.00 35.00
CA PRO A 66 -13.65 0.35 34.70
C PRO A 66 -12.13 0.45 34.67
N ILE A 67 -11.43 -0.21 35.60
CA ILE A 67 -9.97 -0.09 35.60
C ILE A 67 -9.36 -0.92 34.47
N GLN A 68 -10.04 -1.98 34.03
CA GLN A 68 -9.61 -2.67 32.82
C GLN A 68 -9.67 -1.74 31.62
N PHE A 69 -10.78 -1.01 31.48
CA PHE A 69 -10.95 -0.08 30.36
C PHE A 69 -9.90 1.02 30.40
N GLU A 70 -9.73 1.67 31.56
CA GLU A 70 -8.81 2.79 31.67
C GLU A 70 -7.36 2.35 31.43
N SER A 71 -6.97 1.21 32.01
CA SER A 71 -5.64 0.66 31.75
C SER A 71 -5.47 0.32 30.27
N ALA A 72 -6.47 -0.35 29.68
CA ALA A 72 -6.40 -0.70 28.27
C ALA A 72 -6.21 0.55 27.41
N TRP A 73 -6.97 1.60 27.71
CA TRP A 73 -6.84 2.86 26.97
C TRP A 73 -5.46 3.49 27.21
N ALA A 74 -5.00 3.52 28.46
CA ALA A 74 -3.69 4.07 28.76
C ALA A 74 -2.59 3.31 28.03
N LEU A 75 -2.65 1.98 28.07
CA LEU A 75 -1.61 1.18 27.41
C LEU A 75 -1.71 1.28 25.89
N THR A 76 -2.93 1.37 25.36
CA THR A 76 -3.10 1.58 23.92
C THR A 76 -2.31 2.80 23.46
N ASN A 77 -2.35 3.89 24.24
CA ASN A 77 -1.74 5.13 23.78
C ASN A 77 -0.24 5.15 23.98
N ILE A 78 0.26 4.43 25.00
CA ILE A 78 1.71 4.21 25.07
C ILE A 78 2.16 3.40 23.86
N ALA A 79 1.42 2.33 23.54
CA ALA A 79 1.76 1.48 22.40
C ALA A 79 1.67 2.21 21.07
N SER A 80 0.96 3.35 21.03
CA SER A 80 0.84 4.13 19.81
C SER A 80 2.06 4.97 19.50
N GLY A 81 3.05 5.00 20.39
CA GLY A 81 4.20 5.86 20.19
C GLY A 81 5.32 5.21 19.39
N THR A 82 6.56 5.49 19.79
CA THR A 82 7.73 4.94 19.11
C THR A 82 7.83 3.43 19.32
N SER A 83 8.73 2.80 18.58
CA SER A 83 9.01 1.38 18.76
C SER A 83 9.44 1.07 20.19
N GLU A 84 10.34 1.89 20.74
CA GLU A 84 10.76 1.69 22.12
C GLU A 84 9.58 1.78 23.08
N GLN A 85 8.65 2.70 22.82
CA GLN A 85 7.49 2.82 23.69
C GLN A 85 6.55 1.63 23.52
N THR A 86 6.33 1.18 22.28
CA THR A 86 5.57 -0.06 22.10
C THR A 86 6.26 -1.25 22.77
N LYS A 87 7.59 -1.32 22.66
CA LYS A 87 8.33 -2.41 23.29
C LYS A 87 8.10 -2.44 24.80
N ALA A 88 8.06 -1.27 25.44
CA ALA A 88 7.84 -1.24 26.88
C ALA A 88 6.50 -1.88 27.23
N VAL A 89 5.48 -1.66 26.40
CA VAL A 89 4.18 -2.29 26.63
C VAL A 89 4.29 -3.80 26.46
N VAL A 90 4.95 -4.25 25.39
CA VAL A 90 5.14 -5.68 25.18
C VAL A 90 5.95 -6.30 26.31
N ASP A 91 7.02 -5.63 26.72
CA ASP A 91 7.89 -6.16 27.78
C ASP A 91 7.13 -6.33 29.09
N GLY A 92 6.09 -5.54 29.31
CA GLY A 92 5.28 -5.65 30.52
C GLY A 92 4.27 -6.78 30.52
N GLY A 93 4.27 -7.63 29.47
CA GLY A 93 3.34 -8.74 29.41
C GLY A 93 1.97 -8.42 28.86
N ALA A 94 1.83 -7.32 28.13
CA ALA A 94 0.51 -6.85 27.72
C ALA A 94 -0.14 -7.73 26.66
N ILE A 95 0.63 -8.44 25.85
CA ILE A 95 0.06 -9.15 24.70
C ILE A 95 -0.94 -10.21 25.17
N PRO A 96 -0.57 -11.18 26.02
CA PRO A 96 -1.57 -12.17 26.45
C PRO A 96 -2.71 -11.56 27.24
N ALA A 97 -2.44 -10.49 27.99
CA ALA A 97 -3.49 -9.86 28.78
C ALA A 97 -4.52 -9.18 27.88
N PHE A 98 -4.08 -8.56 26.79
CA PHE A 98 -5.03 -7.96 25.85
C PHE A 98 -5.84 -9.03 25.11
N ILE A 99 -5.19 -10.11 24.70
CA ILE A 99 -5.90 -11.18 24.00
C ILE A 99 -6.98 -11.77 24.88
N SER A 100 -6.70 -11.89 26.18
CA SER A 100 -7.72 -12.36 27.12
C SER A 100 -8.89 -11.40 27.20
N LEU A 101 -8.66 -10.11 26.94
CA LEU A 101 -9.75 -9.13 27.01
C LEU A 101 -10.63 -9.14 25.77
N LEU A 102 -10.17 -9.76 24.67
CA LEU A 102 -10.98 -9.82 23.45
C LEU A 102 -12.34 -10.44 23.72
N ALA A 103 -12.40 -11.41 24.63
CA ALA A 103 -13.65 -12.09 24.95
C ALA A 103 -14.41 -11.43 26.10
N SER A 104 -14.05 -10.20 26.46
CA SER A 104 -14.76 -9.51 27.53
C SER A 104 -16.23 -9.35 27.15
N PRO A 105 -17.15 -9.46 28.12
CA PRO A 105 -18.55 -9.16 27.82
C PRO A 105 -18.82 -7.67 27.65
N HIS A 106 -17.87 -6.81 27.96
CA HIS A 106 -17.99 -5.36 27.77
C HIS A 106 -17.39 -5.02 26.42
N ALA A 107 -18.27 -4.66 25.47
CA ALA A 107 -17.83 -4.40 24.10
C ALA A 107 -16.75 -3.31 24.06
N HIS A 108 -16.88 -2.28 24.89
CA HIS A 108 -15.91 -1.19 24.86
C HIS A 108 -14.54 -1.64 25.36
N ILE A 109 -14.49 -2.67 26.22
CA ILE A 109 -13.21 -3.18 26.69
C ILE A 109 -12.57 -4.08 25.65
N SER A 110 -13.36 -4.97 25.04
CA SER A 110 -12.79 -5.81 23.98
C SER A 110 -12.36 -4.97 22.79
N GLU A 111 -13.14 -3.93 22.46
CA GLU A 111 -12.73 -3.01 21.41
C GLU A 111 -11.41 -2.34 21.73
N GLN A 112 -11.22 -1.90 22.98
CA GLN A 112 -9.94 -1.30 23.34
C GLN A 112 -8.80 -2.31 23.28
N ALA A 113 -9.07 -3.58 23.61
CA ALA A 113 -8.05 -4.60 23.45
C ALA A 113 -7.72 -4.82 21.97
N VAL A 114 -8.74 -4.78 21.11
CA VAL A 114 -8.50 -4.82 19.66
C VAL A 114 -7.56 -3.69 19.25
N TRP A 115 -7.86 -2.47 19.70
CA TRP A 115 -7.05 -1.31 19.37
C TRP A 115 -5.60 -1.48 19.81
N ALA A 116 -5.40 -1.90 21.06
CA ALA A 116 -4.05 -2.04 21.59
C ALA A 116 -3.23 -3.04 20.80
N LEU A 117 -3.83 -4.19 20.49
CA LEU A 117 -3.13 -5.20 19.70
C LEU A 117 -2.83 -4.69 18.30
N GLY A 118 -3.72 -3.88 17.73
CA GLY A 118 -3.43 -3.26 16.45
C GLY A 118 -2.17 -2.40 16.48
N ASN A 119 -2.00 -1.63 17.56
CA ASN A 119 -0.80 -0.80 17.71
C ASN A 119 0.44 -1.65 17.90
N ILE A 120 0.33 -2.72 18.71
CA ILE A 120 1.48 -3.61 18.93
C ILE A 120 1.84 -4.30 17.63
N ALA A 121 0.87 -4.91 16.96
CA ALA A 121 1.14 -5.58 15.69
C ALA A 121 1.66 -4.59 14.65
N GLY A 122 1.14 -3.36 14.66
CA GLY A 122 1.56 -2.37 13.68
C GLY A 122 3.00 -1.91 13.83
N ASP A 123 3.67 -2.27 14.92
CA ASP A 123 5.05 -1.83 15.10
C ASP A 123 5.97 -2.42 14.05
N GLY A 124 5.77 -3.67 13.68
CA GLY A 124 6.69 -4.35 12.79
C GLY A 124 6.40 -5.84 12.76
N SER A 125 7.12 -6.53 11.87
CA SER A 125 6.83 -7.93 11.62
C SER A 125 7.10 -8.81 12.84
N ALA A 126 8.09 -8.43 13.67
CA ALA A 126 8.40 -9.23 14.85
C ALA A 126 7.26 -9.18 15.86
N PHE A 127 6.81 -7.98 16.23
CA PHE A 127 5.69 -7.88 17.16
C PHE A 127 4.40 -8.39 16.52
N ARG A 128 4.24 -8.20 15.20
CA ARG A 128 3.10 -8.78 14.50
C ARG A 128 3.09 -10.29 14.66
N ASP A 129 4.22 -10.94 14.40
CA ASP A 129 4.28 -12.40 14.51
C ASP A 129 4.20 -12.85 15.95
N LEU A 130 4.66 -12.02 16.89
CA LEU A 130 4.55 -12.37 18.31
C LEU A 130 3.09 -12.32 18.76
N VAL A 131 2.35 -11.31 18.29
CA VAL A 131 0.91 -11.27 18.55
C VAL A 131 0.23 -12.51 17.99
N ILE A 132 0.64 -12.94 16.80
CA ILE A 132 0.07 -14.12 16.18
C ILE A 132 0.38 -15.38 17.00
N LYS A 133 1.61 -15.47 17.51
CA LYS A 133 2.00 -16.65 18.28
C LYS A 133 1.26 -16.76 19.61
N HIS A 134 0.89 -15.63 20.20
CA HIS A 134 0.08 -15.65 21.42
C HIS A 134 -1.37 -16.00 21.16
N GLY A 135 -1.77 -16.19 19.90
CA GLY A 135 -3.10 -16.67 19.58
C GLY A 135 -4.15 -15.60 19.36
N ALA A 136 -3.78 -14.44 18.83
CA ALA A 136 -4.74 -13.34 18.70
C ALA A 136 -5.77 -13.58 17.60
N ILE A 137 -5.41 -14.33 16.55
CA ILE A 137 -6.23 -14.37 15.35
C ILE A 137 -7.59 -15.00 15.63
N ASP A 138 -7.61 -16.18 16.28
CA ASP A 138 -8.88 -16.85 16.53
C ASP A 138 -9.88 -15.99 17.30
N PRO A 139 -9.55 -15.39 18.46
CA PRO A 139 -10.54 -14.53 19.13
C PRO A 139 -10.90 -13.29 18.34
N LEU A 140 -9.98 -12.75 17.53
CA LEU A 140 -10.32 -11.60 16.69
C LEU A 140 -11.36 -11.98 15.65
N LEU A 141 -11.13 -13.08 14.93
CA LEU A 141 -12.08 -13.50 13.90
C LEU A 141 -13.42 -13.91 14.50
N ALA A 142 -13.41 -14.45 15.73
CA ALA A 142 -14.67 -14.82 16.37
C ALA A 142 -15.54 -13.60 16.65
N LEU A 143 -14.92 -12.44 16.86
CA LEU A 143 -15.69 -11.20 17.02
C LEU A 143 -16.43 -10.83 15.75
N LEU A 144 -15.97 -11.28 14.58
CA LEU A 144 -16.59 -10.98 13.31
C LEU A 144 -17.44 -12.13 12.77
N ALA A 145 -17.60 -13.20 13.55
CA ALA A 145 -18.38 -14.36 13.12
C ALA A 145 -19.87 -14.11 13.37
N VAL A 146 -20.43 -13.24 12.55
CA VAL A 146 -21.85 -12.89 12.65
C VAL A 146 -22.49 -13.02 11.27
N PRO A 147 -23.80 -13.29 11.19
CA PRO A 147 -24.44 -13.40 9.86
C PRO A 147 -24.36 -12.13 9.05
N ASP A 148 -24.43 -10.96 9.68
CA ASP A 148 -24.43 -9.69 8.97
C ASP A 148 -23.57 -8.70 9.74
N LEU A 149 -22.48 -8.24 9.10
CA LEU A 149 -21.57 -7.31 9.75
C LEU A 149 -22.27 -6.03 10.18
N SER A 150 -23.37 -5.68 9.51
CA SER A 150 -24.06 -4.42 9.80
C SER A 150 -24.64 -4.37 11.20
N THR A 151 -24.79 -5.50 11.88
CA THR A 151 -25.29 -5.49 13.24
C THR A 151 -24.23 -5.08 14.25
N LEU A 152 -22.96 -5.10 13.86
CA LEU A 152 -21.89 -4.67 14.74
C LEU A 152 -21.79 -3.15 14.75
N ALA A 153 -21.41 -2.60 15.89
CA ALA A 153 -21.16 -1.17 15.99
C ALA A 153 -20.07 -0.76 15.02
N CYS A 154 -20.28 0.39 14.37
CA CYS A 154 -19.41 0.82 13.27
C CYS A 154 -17.99 1.09 13.76
N GLY A 155 -17.85 1.79 14.89
CA GLY A 155 -16.52 2.01 15.44
C GLY A 155 -15.81 0.70 15.78
N TYR A 156 -16.54 -0.24 16.37
CA TYR A 156 -15.99 -1.56 16.68
C TYR A 156 -15.51 -2.27 15.43
N LEU A 157 -16.34 -2.28 14.38
CA LEU A 157 -15.98 -2.97 13.14
C LEU A 157 -14.78 -2.33 12.46
N ARG A 158 -14.68 -1.00 12.51
CA ARG A 158 -13.53 -0.30 11.94
C ARG A 158 -12.24 -0.68 12.65
N ASN A 159 -12.27 -0.75 13.99
CA ASN A 159 -11.07 -1.11 14.73
C ASN A 159 -10.66 -2.55 14.45
N LEU A 160 -11.63 -3.46 14.38
CA LEU A 160 -11.32 -4.84 14.03
C LEU A 160 -10.69 -4.93 12.65
N THR A 161 -11.25 -4.21 11.68
CA THR A 161 -10.70 -4.22 10.32
C THR A 161 -9.28 -3.69 10.30
N TRP A 162 -9.05 -2.55 10.96
CA TRP A 162 -7.71 -1.96 10.97
C TRP A 162 -6.70 -2.88 11.65
N THR A 163 -7.06 -3.49 12.77
CA THR A 163 -6.13 -4.39 13.44
C THR A 163 -5.84 -5.62 12.58
N LEU A 164 -6.86 -6.17 11.92
CA LEU A 164 -6.62 -7.30 11.02
C LEU A 164 -5.63 -6.92 9.92
N SER A 165 -5.71 -5.68 9.41
CA SER A 165 -4.83 -5.27 8.33
C SER A 165 -3.40 -5.07 8.81
N ASN A 166 -3.20 -4.80 10.09
CA ASN A 166 -1.84 -4.76 10.63
C ASN A 166 -1.25 -6.16 10.76
N LEU A 167 -2.10 -7.17 10.96
CA LEU A 167 -1.59 -8.54 10.93
C LEU A 167 -1.24 -8.98 9.52
N CYS A 168 -1.75 -8.29 8.50
CA CYS A 168 -1.41 -8.54 7.11
C CYS A 168 -0.22 -7.71 6.65
N ARG A 169 0.22 -6.76 7.45
CA ARG A 169 1.16 -5.74 7.03
C ARG A 169 2.60 -6.17 7.28
N ASN A 170 3.51 -5.60 6.47
CA ASN A 170 4.96 -5.66 6.64
C ASN A 170 5.57 -6.90 6.00
N LYS A 171 6.87 -6.81 5.70
CA LYS A 171 7.61 -7.87 5.03
C LYS A 171 8.90 -8.16 5.77
N ASN A 172 9.75 -9.00 5.20
CA ASN A 172 11.00 -9.46 5.78
C ASN A 172 10.83 -9.81 7.27
N PRO A 173 9.99 -10.81 7.59
CA PRO A 173 9.24 -11.61 6.63
C PRO A 173 7.79 -11.17 6.47
N ALA A 174 7.17 -11.61 5.38
CA ALA A 174 5.73 -11.47 5.22
C ALA A 174 5.03 -12.28 6.32
N PRO A 175 3.76 -11.99 6.60
CA PRO A 175 3.06 -12.74 7.66
C PRO A 175 3.05 -14.23 7.37
N PRO A 176 2.87 -15.07 8.39
CA PRO A 176 2.90 -16.52 8.14
C PRO A 176 1.77 -16.94 7.21
N LEU A 177 2.12 -17.84 6.29
CA LEU A 177 1.16 -18.29 5.28
C LEU A 177 -0.14 -18.76 5.90
N ASP A 178 -0.06 -19.56 6.97
CA ASP A 178 -1.27 -20.09 7.58
C ASP A 178 -2.09 -19.00 8.24
N ALA A 179 -1.43 -17.97 8.79
CA ALA A 179 -2.17 -16.84 9.34
C ALA A 179 -2.94 -16.11 8.25
N VAL A 180 -2.32 -15.94 7.08
CA VAL A 180 -2.98 -15.26 5.97
C VAL A 180 -4.17 -16.07 5.48
N GLU A 181 -4.00 -17.39 5.35
CA GLU A 181 -5.11 -18.23 4.93
C GLU A 181 -6.26 -18.18 5.93
N GLN A 182 -5.93 -18.08 7.22
CA GLN A 182 -6.95 -18.03 8.25
C GLN A 182 -7.71 -16.71 8.22
N ILE A 183 -7.01 -15.62 7.91
CA ILE A 183 -7.62 -14.29 7.91
C ILE A 183 -8.41 -14.03 6.63
N LEU A 184 -7.99 -14.61 5.50
CA LEU A 184 -8.49 -14.17 4.20
C LEU A 184 -10.01 -14.22 4.04
N PRO A 185 -10.73 -15.29 4.41
CA PRO A 185 -12.19 -15.28 4.19
C PRO A 185 -12.91 -14.19 4.93
N THR A 186 -12.47 -13.85 6.16
CA THR A 186 -13.06 -12.72 6.87
C THR A 186 -12.74 -11.41 6.16
N LEU A 187 -11.52 -11.29 5.65
CA LEU A 187 -11.12 -10.10 4.90
C LEU A 187 -11.95 -9.94 3.63
N VAL A 188 -12.20 -11.04 2.92
CA VAL A 188 -13.02 -10.97 1.72
C VAL A 188 -14.42 -10.43 2.06
N ARG A 189 -14.96 -10.87 3.20
CA ARG A 189 -16.28 -10.40 3.62
C ARG A 189 -16.24 -8.92 4.01
N LEU A 190 -15.18 -8.49 4.70
CA LEU A 190 -15.06 -7.08 5.05
C LEU A 190 -14.94 -6.21 3.80
N LEU A 191 -14.30 -6.73 2.75
CA LEU A 191 -14.14 -6.01 1.48
C LEU A 191 -15.46 -5.79 0.76
N HIS A 192 -16.53 -6.44 1.18
CA HIS A 192 -17.86 -6.22 0.60
C HIS A 192 -18.77 -5.41 1.50
N HIS A 193 -18.28 -4.98 2.66
CA HIS A 193 -19.07 -4.17 3.58
C HIS A 193 -19.23 -2.75 3.02
N ASN A 194 -20.24 -2.04 3.51
CA ASN A 194 -20.63 -0.75 2.96
C ASN A 194 -20.02 0.44 3.69
N ASP A 195 -19.14 0.22 4.66
CA ASP A 195 -18.59 1.38 5.34
C ASP A 195 -17.30 1.84 4.66
N PRO A 196 -17.16 3.12 4.34
CA PRO A 196 -15.98 3.58 3.59
C PRO A 196 -14.66 3.34 4.33
N GLU A 197 -14.64 3.45 5.66
CA GLU A 197 -13.39 3.21 6.37
C GLU A 197 -13.05 1.73 6.42
N VAL A 198 -14.03 0.88 6.69
CA VAL A 198 -13.82 -0.56 6.60
C VAL A 198 -13.31 -0.94 5.22
N LEU A 199 -13.90 -0.35 4.18
CA LEU A 199 -13.48 -0.64 2.80
C LEU A 199 -12.03 -0.21 2.56
N ALA A 200 -11.67 1.00 3.02
CA ALA A 200 -10.31 1.49 2.86
C ALA A 200 -9.31 0.55 3.53
N ASP A 201 -9.55 0.21 4.80
CA ASP A 201 -8.58 -0.61 5.52
C ASP A 201 -8.57 -2.05 5.01
N SER A 202 -9.70 -2.54 4.50
CA SER A 202 -9.72 -3.86 3.86
C SER A 202 -8.88 -3.88 2.58
N CYS A 203 -8.97 -2.82 1.78
CA CYS A 203 -8.12 -2.68 0.60
C CYS A 203 -6.65 -2.60 0.98
N TRP A 204 -6.33 -1.82 2.02
CA TRP A 204 -4.95 -1.77 2.51
C TRP A 204 -4.44 -3.16 2.86
N ALA A 205 -5.25 -3.92 3.61
CA ALA A 205 -4.87 -5.28 3.98
C ALA A 205 -4.58 -6.11 2.73
N ILE A 206 -5.44 -6.01 1.72
CA ILE A 206 -5.24 -6.78 0.49
C ILE A 206 -4.00 -6.29 -0.25
N SER A 207 -3.73 -4.99 -0.20
CA SER A 207 -2.55 -4.47 -0.87
C SER A 207 -1.27 -4.98 -0.21
N TYR A 208 -1.27 -5.10 1.11
CA TYR A 208 -0.11 -5.72 1.78
C TYR A 208 0.06 -7.17 1.35
N LEU A 209 -1.04 -7.93 1.31
CA LEU A 209 -0.94 -9.36 1.05
C LEU A 209 -0.46 -9.65 -0.37
N THR A 210 -0.76 -8.76 -1.32
CA THR A 210 -0.36 -8.93 -2.70
C THR A 210 0.99 -8.30 -3.01
N ASP A 211 1.60 -7.62 -2.03
CA ASP A 211 2.94 -7.06 -2.15
C ASP A 211 3.96 -8.13 -1.76
N GLY A 212 4.26 -9.00 -2.72
CA GLY A 212 5.16 -10.11 -2.49
C GLY A 212 5.31 -11.00 -3.70
N PRO A 213 5.80 -12.23 -3.50
CA PRO A 213 5.98 -13.15 -4.62
C PRO A 213 4.64 -13.60 -5.19
N ASN A 214 4.72 -14.24 -6.36
CA ASN A 214 3.51 -14.63 -7.09
C ASN A 214 2.64 -15.57 -6.27
N GLU A 215 3.24 -16.38 -5.40
CA GLU A 215 2.46 -17.28 -4.55
C GLU A 215 1.59 -16.51 -3.57
N ARG A 216 2.09 -15.40 -3.04
CA ARG A 216 1.27 -14.56 -2.16
C ARG A 216 0.14 -13.93 -2.94
N ILE A 217 0.42 -13.43 -4.15
CA ILE A 217 -0.63 -12.86 -5.00
C ILE A 217 -1.72 -13.90 -5.27
N GLU A 218 -1.31 -15.13 -5.54
CA GLU A 218 -2.26 -16.18 -5.92
C GLU A 218 -3.26 -16.48 -4.80
N MET A 219 -2.77 -16.56 -3.54
CA MET A 219 -3.66 -16.79 -2.42
C MET A 219 -4.82 -15.79 -2.40
N VAL A 220 -4.51 -14.53 -2.73
CA VAL A 220 -5.54 -13.49 -2.76
C VAL A 220 -6.40 -13.64 -4.01
N VAL A 221 -5.75 -13.80 -5.17
CA VAL A 221 -6.47 -13.82 -6.44
C VAL A 221 -7.44 -15.00 -6.49
N LYS A 222 -7.07 -16.12 -5.86
CA LYS A 222 -7.96 -17.28 -5.88
C LYS A 222 -9.17 -17.11 -4.98
N LYS A 223 -9.15 -16.18 -4.03
CA LYS A 223 -10.35 -15.90 -3.27
C LYS A 223 -11.38 -15.09 -4.07
N GLY A 224 -11.05 -14.71 -5.31
CA GLY A 224 -12.00 -14.07 -6.19
C GLY A 224 -12.29 -12.61 -5.90
N VAL A 225 -11.34 -11.88 -5.29
CA VAL A 225 -11.59 -10.49 -4.90
C VAL A 225 -11.32 -9.48 -5.99
N VAL A 226 -10.73 -9.88 -7.11
CA VAL A 226 -10.32 -8.91 -8.13
C VAL A 226 -11.49 -8.08 -8.64
N PRO A 227 -12.65 -8.67 -9.00
CA PRO A 227 -13.78 -7.81 -9.42
C PRO A 227 -14.19 -6.80 -8.37
N GLN A 228 -14.21 -7.19 -7.09
CA GLN A 228 -14.56 -6.23 -6.05
C GLN A 228 -13.49 -5.13 -5.94
N LEU A 229 -12.22 -5.49 -6.09
CA LEU A 229 -11.16 -4.48 -6.12
C LEU A 229 -11.36 -3.51 -7.27
N VAL A 230 -11.74 -4.01 -8.44
CA VAL A 230 -11.94 -3.15 -9.60
C VAL A 230 -13.12 -2.20 -9.37
N LYS A 231 -14.19 -2.71 -8.76
CA LYS A 231 -15.31 -1.86 -8.38
C LYS A 231 -14.85 -0.74 -7.45
N LEU A 232 -14.10 -1.09 -6.41
CA LEU A 232 -13.59 -0.09 -5.48
C LEU A 232 -12.62 0.87 -6.15
N LEU A 233 -11.96 0.42 -7.22
CA LEU A 233 -11.10 1.31 -8.01
C LEU A 233 -11.86 2.51 -8.54
N GLY A 234 -13.17 2.37 -8.75
CA GLY A 234 -14.01 3.44 -9.22
C GLY A 234 -14.72 4.24 -8.15
N ALA A 235 -14.40 4.01 -6.87
CA ALA A 235 -15.05 4.73 -5.79
C ALA A 235 -14.74 6.22 -5.87
N THR A 236 -15.64 7.04 -5.34
CA THR A 236 -15.39 8.47 -5.27
C THR A 236 -14.48 8.84 -4.10
N GLU A 237 -14.37 7.97 -3.11
CA GLU A 237 -13.54 8.23 -1.93
C GLU A 237 -12.08 7.90 -2.25
N LEU A 238 -11.24 8.94 -2.30
CA LEU A 238 -9.82 8.71 -2.51
C LEU A 238 -9.17 7.82 -1.46
N PRO A 239 -9.56 7.84 -0.17
CA PRO A 239 -8.99 6.84 0.75
C PRO A 239 -9.29 5.41 0.38
N ILE A 240 -10.28 5.16 -0.49
CA ILE A 240 -10.54 3.82 -0.99
C ILE A 240 -9.78 3.54 -2.28
N VAL A 241 -9.76 4.51 -3.20
CA VAL A 241 -9.11 4.31 -4.49
C VAL A 241 -7.62 4.03 -4.30
N THR A 242 -6.97 4.76 -3.39
CA THR A 242 -5.53 4.62 -3.22
C THR A 242 -5.12 3.18 -2.88
N PRO A 243 -5.65 2.54 -1.84
CA PRO A 243 -5.25 1.14 -1.59
C PRO A 243 -5.80 0.17 -2.61
N ALA A 244 -7.01 0.40 -3.15
CA ALA A 244 -7.51 -0.47 -4.21
C ALA A 244 -6.58 -0.49 -5.41
N LEU A 245 -6.09 0.68 -5.82
CA LEU A 245 -5.15 0.75 -6.94
C LEU A 245 -3.81 0.10 -6.59
N ARG A 246 -3.32 0.32 -5.36
CA ARG A 246 -2.10 -0.35 -4.94
C ARG A 246 -2.24 -1.86 -5.04
N ALA A 247 -3.40 -2.38 -4.63
CA ALA A 247 -3.64 -3.82 -4.71
C ALA A 247 -3.67 -4.28 -6.16
N ILE A 248 -4.42 -3.57 -7.01
CA ILE A 248 -4.52 -3.93 -8.42
C ILE A 248 -3.14 -3.92 -9.06
N GLY A 249 -2.36 -2.86 -8.80
CA GLY A 249 -1.02 -2.79 -9.34
C GLY A 249 -0.13 -3.90 -8.83
N ASN A 250 -0.25 -4.24 -7.55
CA ASN A 250 0.51 -5.36 -7.00
C ASN A 250 0.20 -6.65 -7.75
N ILE A 251 -1.08 -6.88 -8.04
CA ILE A 251 -1.49 -8.13 -8.68
C ILE A 251 -0.89 -8.23 -10.08
N VAL A 252 -0.83 -7.12 -10.82
CA VAL A 252 -0.28 -7.18 -12.17
C VAL A 252 1.24 -7.21 -12.19
N THR A 253 1.89 -7.20 -11.03
CA THR A 253 3.31 -7.56 -10.99
C THR A 253 3.52 -9.06 -11.06
N GLY A 254 2.46 -9.87 -10.95
CA GLY A 254 2.56 -11.31 -10.98
C GLY A 254 2.60 -11.88 -12.39
N THR A 255 2.07 -13.10 -12.53
CA THR A 255 2.10 -13.80 -13.80
C THR A 255 1.17 -13.13 -14.80
N ASP A 256 1.33 -13.51 -16.07
CA ASP A 256 0.41 -13.05 -17.11
C ASP A 256 -1.02 -13.50 -16.82
N GLU A 257 -1.19 -14.69 -16.21
CA GLU A 257 -2.51 -15.19 -15.87
C GLU A 257 -3.16 -14.35 -14.78
N GLN A 258 -2.40 -14.02 -13.72
CA GLN A 258 -2.92 -13.15 -12.69
C GLN A 258 -3.25 -11.77 -13.24
N THR A 259 -2.38 -11.23 -14.09
CA THR A 259 -2.66 -9.97 -14.77
C THR A 259 -3.93 -10.06 -15.60
N GLN A 260 -4.15 -11.20 -16.27
CA GLN A 260 -5.33 -11.34 -17.13
C GLN A 260 -6.62 -11.21 -16.34
N LYS A 261 -6.64 -11.66 -15.08
CA LYS A 261 -7.86 -11.59 -14.30
C LYS A 261 -8.20 -10.15 -13.93
N VAL A 262 -7.19 -9.29 -13.78
CA VAL A 262 -7.45 -7.86 -13.60
C VAL A 262 -8.09 -7.29 -14.87
N ILE A 263 -7.58 -7.69 -16.03
CA ILE A 263 -8.17 -7.23 -17.30
C ILE A 263 -9.57 -7.79 -17.47
N ASP A 264 -9.74 -9.10 -17.21
CA ASP A 264 -11.06 -9.72 -17.33
C ASP A 264 -12.10 -8.99 -16.49
N ALA A 265 -11.69 -8.50 -15.32
CA ALA A 265 -12.58 -7.84 -14.38
C ALA A 265 -12.98 -6.45 -14.82
N GLY A 266 -12.44 -5.94 -15.93
CA GLY A 266 -12.81 -4.65 -16.45
C GLY A 266 -12.02 -3.48 -15.92
N ALA A 267 -10.79 -3.70 -15.44
CA ALA A 267 -10.04 -2.63 -14.79
C ALA A 267 -9.61 -1.56 -15.77
N LEU A 268 -9.31 -1.93 -17.02
CA LEU A 268 -8.74 -0.98 -17.97
C LEU A 268 -9.69 0.18 -18.26
N ALA A 269 -11.00 -0.03 -18.09
CA ALA A 269 -11.95 1.03 -18.36
C ALA A 269 -11.90 2.15 -17.31
N VAL A 270 -11.29 1.90 -16.15
CA VAL A 270 -11.14 2.96 -15.15
C VAL A 270 -9.90 3.81 -15.44
N PHE A 271 -9.01 3.36 -16.30
CA PHE A 271 -7.74 4.05 -16.41
C PHE A 271 -7.75 5.39 -17.15
N PRO A 272 -8.74 5.69 -18.01
CA PRO A 272 -8.83 7.09 -18.49
C PRO A 272 -8.92 8.09 -17.35
N SER A 273 -9.68 7.78 -16.30
CA SER A 273 -9.76 8.67 -15.14
C SER A 273 -8.48 8.61 -14.33
N LEU A 274 -7.98 7.40 -14.03
CA LEU A 274 -6.82 7.25 -13.17
C LEU A 274 -5.58 7.93 -13.76
N LEU A 275 -5.39 7.82 -15.07
CA LEU A 275 -4.23 8.42 -15.72
C LEU A 275 -4.36 9.93 -15.88
N THR A 276 -5.51 10.52 -15.59
CA THR A 276 -5.66 11.97 -15.55
C THR A 276 -6.05 12.46 -14.16
N ASN A 277 -5.94 11.61 -13.14
CA ASN A 277 -6.43 11.93 -11.81
C ASN A 277 -5.65 13.10 -11.22
N PRO A 278 -6.33 14.06 -10.58
CA PRO A 278 -5.62 15.24 -10.05
C PRO A 278 -4.60 14.90 -8.99
N LYS A 279 -4.72 13.75 -8.34
CA LYS A 279 -3.76 13.39 -7.31
C LYS A 279 -2.57 12.71 -7.97
N THR A 280 -1.39 13.34 -7.89
CA THR A 280 -0.25 12.87 -8.67
C THR A 280 0.14 11.45 -8.31
N ASN A 281 -0.05 11.04 -7.06
CA ASN A 281 0.34 9.69 -6.70
C ASN A 281 -0.61 8.65 -7.28
N ILE A 282 -1.88 9.00 -7.50
CA ILE A 282 -2.77 8.12 -8.25
C ILE A 282 -2.26 7.95 -9.67
N GLN A 283 -1.90 9.07 -10.30
CA GLN A 283 -1.38 9.02 -11.66
C GLN A 283 -0.12 8.17 -11.75
N LYS A 284 0.79 8.33 -10.78
CA LYS A 284 2.02 7.54 -10.76
C LYS A 284 1.70 6.06 -10.63
N GLU A 285 0.89 5.69 -9.63
CA GLU A 285 0.52 4.29 -9.43
C GLU A 285 -0.20 3.72 -10.64
N ALA A 286 -1.14 4.50 -11.21
CA ALA A 286 -1.86 4.03 -12.40
C ALA A 286 -0.91 3.82 -13.57
N THR A 287 0.06 4.71 -13.75
CA THR A 287 0.99 4.58 -14.87
C THR A 287 1.97 3.43 -14.64
N TRP A 288 2.42 3.23 -13.41
CA TRP A 288 3.25 2.08 -13.08
C TRP A 288 2.51 0.78 -13.38
N THR A 289 1.23 0.72 -12.98
CA THR A 289 0.38 -0.42 -13.30
C THR A 289 0.30 -0.63 -14.81
N MET A 290 0.09 0.46 -15.57
CA MET A 290 0.04 0.36 -17.02
C MET A 290 1.36 -0.21 -17.57
N SER A 291 2.49 0.20 -17.01
CA SER A 291 3.78 -0.30 -17.48
C SER A 291 3.91 -1.79 -17.28
N ASN A 292 3.35 -2.32 -16.20
CA ASN A 292 3.40 -3.76 -15.96
C ASN A 292 2.40 -4.51 -16.83
N ILE A 293 1.33 -3.85 -17.25
CA ILE A 293 0.40 -4.48 -18.19
C ILE A 293 1.00 -4.49 -19.59
N THR A 294 1.66 -3.39 -20.00
CA THR A 294 2.30 -3.43 -21.31
C THR A 294 3.51 -4.34 -21.34
N ALA A 295 3.93 -4.87 -20.20
CA ALA A 295 4.95 -5.90 -20.15
C ALA A 295 4.39 -7.30 -20.38
N GLY A 296 3.07 -7.43 -20.58
CA GLY A 296 2.42 -8.72 -20.72
C GLY A 296 2.39 -9.21 -22.15
N ARG A 297 1.46 -10.12 -22.42
CA ARG A 297 1.36 -10.71 -23.75
C ARG A 297 0.85 -9.68 -24.76
N GLN A 298 0.97 -10.06 -26.04
CA GLN A 298 0.49 -9.21 -27.11
C GLN A 298 -1.03 -9.05 -27.07
N ASP A 299 -1.76 -10.07 -26.60
CA ASP A 299 -3.20 -9.92 -26.43
C ASP A 299 -3.55 -8.98 -25.28
N GLN A 300 -2.65 -8.83 -24.31
CA GLN A 300 -2.89 -7.89 -23.23
C GLN A 300 -2.53 -6.46 -23.66
N ILE A 301 -1.44 -6.31 -24.44
CA ILE A 301 -1.17 -5.04 -25.10
C ILE A 301 -2.34 -4.63 -25.98
N GLN A 302 -2.95 -5.61 -26.68
CA GLN A 302 -4.06 -5.28 -27.56
C GLN A 302 -5.24 -4.73 -26.78
N GLN A 303 -5.49 -5.27 -25.59
CA GLN A 303 -6.57 -4.75 -24.75
C GLN A 303 -6.28 -3.31 -24.31
N VAL A 304 -5.02 -3.00 -24.04
CA VAL A 304 -4.64 -1.61 -23.76
C VAL A 304 -4.99 -0.72 -24.94
N VAL A 305 -4.65 -1.18 -26.14
CA VAL A 305 -5.00 -0.46 -27.36
C VAL A 305 -6.51 -0.30 -27.46
N ASN A 306 -7.25 -1.42 -27.36
CA ASN A 306 -8.69 -1.39 -27.56
C ASN A 306 -9.38 -0.41 -26.62
N HIS A 307 -8.92 -0.34 -25.37
CA HIS A 307 -9.52 0.56 -24.39
C HIS A 307 -9.11 2.01 -24.60
N GLY A 308 -8.42 2.32 -25.69
CA GLY A 308 -8.05 3.68 -25.99
C GLY A 308 -7.03 4.28 -25.05
N LEU A 309 -6.17 3.46 -24.45
CA LEU A 309 -5.29 3.93 -23.40
C LEU A 309 -3.93 4.40 -23.91
N VAL A 310 -3.57 4.14 -25.17
CA VAL A 310 -2.30 4.65 -25.70
C VAL A 310 -2.32 6.17 -25.76
N PRO A 311 -3.37 6.84 -26.25
CA PRO A 311 -3.40 8.31 -26.14
C PRO A 311 -3.22 8.81 -24.72
N PHE A 312 -3.73 8.08 -23.73
CA PHE A 312 -3.53 8.51 -22.34
C PHE A 312 -2.09 8.36 -21.91
N LEU A 313 -1.38 7.37 -22.45
CA LEU A 313 0.05 7.24 -22.18
C LEU A 313 0.85 8.33 -22.87
N VAL A 314 0.49 8.67 -24.11
CA VAL A 314 1.07 9.84 -24.77
C VAL A 314 0.86 11.07 -23.89
N GLY A 315 -0.34 11.20 -23.31
CA GLY A 315 -0.65 12.35 -22.47
C GLY A 315 0.27 12.47 -21.26
N VAL A 316 0.41 11.39 -20.49
CA VAL A 316 1.25 11.49 -19.28
C VAL A 316 2.71 11.61 -19.65
N LEU A 317 3.13 11.04 -20.77
CA LEU A 317 4.48 11.28 -21.25
C LEU A 317 4.68 12.74 -21.59
N SER A 318 3.65 13.38 -22.17
CA SER A 318 3.77 14.78 -22.56
C SER A 318 3.78 15.71 -21.36
N LYS A 319 3.03 15.39 -20.32
CA LYS A 319 2.87 16.32 -19.20
C LYS A 319 2.43 15.52 -17.98
N ALA A 320 3.27 15.50 -16.96
CA ALA A 320 3.01 14.85 -15.69
C ALA A 320 4.19 15.14 -14.78
N ASP A 321 4.02 14.86 -13.48
CA ASP A 321 5.14 14.79 -12.56
C ASP A 321 6.23 13.88 -13.14
N PHE A 322 7.49 14.19 -12.82
CA PHE A 322 8.59 13.48 -13.48
C PHE A 322 8.54 11.98 -13.19
N LYS A 323 8.24 11.60 -11.95
CA LYS A 323 8.24 10.18 -11.63
C LYS A 323 7.09 9.45 -12.32
N THR A 324 6.00 10.15 -12.64
CA THR A 324 4.96 9.56 -13.48
C THR A 324 5.43 9.45 -14.93
N GLN A 325 6.14 10.48 -15.42
CA GLN A 325 6.67 10.43 -16.78
C GLN A 325 7.65 9.27 -16.94
N LYS A 326 8.41 8.96 -15.89
CA LYS A 326 9.34 7.84 -15.99
C LYS A 326 8.60 6.51 -16.04
N GLU A 327 7.52 6.37 -15.28
CA GLU A 327 6.69 5.17 -15.39
C GLU A 327 6.09 5.08 -16.78
N ALA A 328 5.72 6.22 -17.37
CA ALA A 328 5.21 6.22 -18.73
C ALA A 328 6.28 5.79 -19.74
N ALA A 329 7.51 6.23 -19.52
CA ALA A 329 8.62 5.79 -20.36
C ALA A 329 8.79 4.27 -20.29
N TRP A 330 8.76 3.73 -19.06
CA TRP A 330 8.81 2.27 -18.90
C TRP A 330 7.65 1.60 -19.62
N ALA A 331 6.45 2.19 -19.52
CA ALA A 331 5.28 1.65 -20.20
C ALA A 331 5.51 1.51 -21.70
N ILE A 332 6.17 2.51 -22.30
CA ILE A 332 6.40 2.47 -23.74
C ILE A 332 7.47 1.44 -24.08
N THR A 333 8.55 1.40 -23.31
CA THR A 333 9.61 0.43 -23.58
C THR A 333 9.10 -0.99 -23.45
N ASN A 334 8.31 -1.27 -22.41
CA ASN A 334 7.70 -2.60 -22.26
C ASN A 334 6.78 -2.90 -23.43
N TYR A 335 5.95 -1.92 -23.80
CA TYR A 335 5.07 -2.04 -24.97
C TYR A 335 5.87 -2.39 -26.22
N THR A 336 6.88 -1.59 -26.55
CA THR A 336 7.64 -1.80 -27.78
C THR A 336 8.47 -3.07 -27.73
N SER A 337 8.85 -3.52 -26.53
CA SER A 337 9.62 -4.74 -26.42
C SER A 337 8.77 -5.96 -26.74
N GLY A 338 7.51 -5.96 -26.31
CA GLY A 338 6.67 -7.14 -26.45
C GLY A 338 5.62 -7.09 -27.53
N GLY A 339 5.34 -5.91 -28.07
CA GLY A 339 4.22 -5.75 -28.98
C GLY A 339 4.55 -6.14 -30.41
N THR A 340 3.48 -6.31 -31.21
CA THR A 340 3.64 -6.58 -32.63
C THR A 340 4.07 -5.33 -33.38
N VAL A 341 4.49 -5.52 -34.63
CA VAL A 341 4.82 -4.39 -35.49
C VAL A 341 3.63 -3.45 -35.65
N GLU A 342 2.44 -4.02 -35.86
CA GLU A 342 1.24 -3.20 -36.00
C GLU A 342 0.95 -2.41 -34.73
N GLN A 343 1.13 -3.05 -33.56
CA GLN A 343 0.92 -2.35 -32.30
C GLN A 343 1.93 -1.21 -32.13
N ILE A 344 3.18 -1.46 -32.50
CA ILE A 344 4.22 -0.44 -32.38
C ILE A 344 3.97 0.71 -33.35
N VAL A 345 3.56 0.39 -34.58
CA VAL A 345 3.21 1.43 -35.55
C VAL A 345 2.08 2.31 -35.03
N TYR A 346 1.07 1.68 -34.41
CA TYR A 346 -0.05 2.44 -33.82
C TYR A 346 0.44 3.42 -32.77
N LEU A 347 1.45 3.03 -32.00
CA LEU A 347 2.04 3.91 -31.01
C LEU A 347 2.58 5.19 -31.64
N VAL A 348 3.29 5.06 -32.76
CA VAL A 348 3.80 6.23 -33.46
C VAL A 348 2.65 7.08 -33.97
N HIS A 349 1.62 6.44 -34.53
CA HIS A 349 0.47 7.18 -35.05
C HIS A 349 -0.22 7.99 -33.96
N CYS A 350 -0.14 7.54 -32.71
CA CYS A 350 -0.75 8.27 -31.61
C CYS A 350 0.09 9.45 -31.13
N GLY A 351 1.32 9.58 -31.63
CA GLY A 351 2.17 10.69 -31.30
C GLY A 351 3.17 10.44 -30.19
N ILE A 352 3.65 9.21 -30.03
CA ILE A 352 4.56 8.94 -28.91
C ILE A 352 5.93 9.58 -29.14
N ILE A 353 6.32 9.79 -30.40
CA ILE A 353 7.72 10.08 -30.71
C ILE A 353 8.14 11.42 -30.09
N GLU A 354 7.38 12.48 -30.35
CA GLU A 354 7.82 13.80 -29.90
C GLU A 354 7.92 13.92 -28.38
N PRO A 355 6.91 13.55 -27.58
CA PRO A 355 7.11 13.60 -26.12
C PRO A 355 8.17 12.64 -25.62
N LEU A 356 8.38 11.53 -26.33
CA LEU A 356 9.50 10.64 -26.01
C LEU A 356 10.83 11.36 -26.18
N MET A 357 11.00 12.07 -27.30
CA MET A 357 12.25 12.78 -27.55
C MET A 357 12.47 13.89 -26.53
N ASN A 358 11.40 14.59 -26.14
CA ASN A 358 11.53 15.70 -25.21
C ASN A 358 12.04 15.24 -23.86
N LEU A 359 11.71 14.00 -23.46
CA LEU A 359 12.16 13.49 -22.18
C LEU A 359 13.64 13.10 -22.18
N LEU A 360 14.28 13.06 -23.35
CA LEU A 360 15.73 12.88 -23.38
C LEU A 360 16.47 14.07 -22.81
N SER A 361 15.77 15.17 -22.52
CA SER A 361 16.37 16.32 -21.86
C SER A 361 16.57 16.09 -20.37
N ALA A 362 15.91 15.08 -19.79
CA ALA A 362 15.98 14.86 -18.35
C ALA A 362 17.40 14.48 -17.92
N LYS A 363 17.72 14.78 -16.67
CA LYS A 363 19.03 14.44 -16.13
C LYS A 363 19.05 13.05 -15.49
N ASP A 364 17.89 12.47 -15.20
CA ASP A 364 17.84 11.08 -14.75
C ASP A 364 18.43 10.18 -15.83
N THR A 365 19.51 9.48 -15.49
CA THR A 365 20.24 8.74 -16.50
C THR A 365 19.54 7.46 -16.94
N LYS A 366 18.79 6.80 -16.04
CA LYS A 366 18.15 5.55 -16.44
C LYS A 366 16.86 5.77 -17.23
N ILE A 367 16.21 6.93 -17.12
CA ILE A 367 15.08 7.17 -18.02
C ILE A 367 15.60 7.39 -19.44
N ILE A 368 16.79 7.98 -19.58
CA ILE A 368 17.40 8.09 -20.90
C ILE A 368 17.69 6.71 -21.46
N GLN A 369 18.20 5.81 -20.62
CA GLN A 369 18.40 4.43 -21.05
C GLN A 369 17.09 3.78 -21.48
N VAL A 370 16.02 4.03 -20.73
CA VAL A 370 14.72 3.43 -21.04
C VAL A 370 14.20 3.97 -22.37
N ILE A 371 14.29 5.29 -22.57
CA ILE A 371 13.79 5.91 -23.79
C ILE A 371 14.61 5.45 -24.99
N LEU A 372 15.94 5.39 -24.84
CA LEU A 372 16.78 4.96 -25.95
C LEU A 372 16.48 3.52 -26.35
N ASP A 373 16.12 2.67 -25.39
CA ASP A 373 15.73 1.30 -25.72
C ASP A 373 14.42 1.28 -26.49
N ALA A 374 13.47 2.13 -26.11
CA ALA A 374 12.20 2.19 -26.84
C ALA A 374 12.40 2.69 -28.27
N ILE A 375 13.25 3.70 -28.44
CA ILE A 375 13.54 4.20 -29.79
C ILE A 375 14.16 3.10 -30.63
N SER A 376 15.11 2.36 -30.06
CA SER A 376 15.69 1.23 -30.76
C SER A 376 14.62 0.20 -31.11
N ASN A 377 13.71 -0.09 -30.18
CA ASN A 377 12.65 -1.04 -30.45
C ASN A 377 11.76 -0.58 -31.59
N ILE A 378 11.40 0.71 -31.60
CA ILE A 378 10.53 1.22 -32.66
C ILE A 378 11.25 1.18 -34.01
N PHE A 379 12.55 1.51 -34.02
CA PHE A 379 13.31 1.44 -35.26
C PHE A 379 13.36 0.01 -35.80
N GLN A 380 13.48 -0.98 -34.90
CA GLN A 380 13.48 -2.37 -35.33
C GLN A 380 12.16 -2.74 -35.99
N ALA A 381 11.05 -2.22 -35.47
CA ALA A 381 9.77 -2.42 -36.15
C ALA A 381 9.75 -1.71 -37.50
N ALA A 382 10.34 -0.51 -37.56
CA ALA A 382 10.39 0.24 -38.81
C ALA A 382 11.31 -0.41 -39.85
N GLU A 383 12.31 -1.19 -39.40
CA GLU A 383 13.14 -1.91 -40.34
C GLU A 383 12.37 -3.04 -41.01
N LYS A 384 11.56 -3.76 -40.23
CA LYS A 384 10.71 -4.82 -40.78
C LYS A 384 9.75 -4.28 -41.84
N LEU A 385 9.48 -2.99 -41.84
CA LEU A 385 8.55 -2.38 -42.78
C LEU A 385 9.25 -1.58 -43.88
N GLY A 386 10.58 -1.48 -43.83
CA GLY A 386 11.31 -0.68 -44.80
C GLY A 386 11.08 0.81 -44.67
N GLU A 387 10.66 1.27 -43.49
CA GLU A 387 10.30 2.67 -43.28
C GLU A 387 11.17 3.30 -42.20
N THR A 388 12.45 2.93 -42.18
CA THR A 388 13.37 3.53 -41.21
C THR A 388 13.54 5.03 -41.44
N GLU A 389 13.52 5.47 -42.69
CA GLU A 389 13.85 6.87 -42.99
C GLU A 389 12.74 7.82 -42.56
N LYS A 390 11.48 7.39 -42.68
CA LYS A 390 10.39 8.23 -42.20
C LYS A 390 10.49 8.45 -40.69
N LEU A 391 10.86 7.40 -39.95
CA LEU A 391 11.09 7.56 -38.52
C LEU A 391 12.29 8.46 -38.25
N SER A 392 13.35 8.32 -39.05
CA SER A 392 14.50 9.20 -38.91
C SER A 392 14.09 10.66 -39.06
N ILE A 393 13.32 10.97 -40.09
CA ILE A 393 12.90 12.36 -40.34
C ILE A 393 11.94 12.83 -39.26
N MET A 394 11.06 11.93 -38.79
CA MET A 394 10.16 12.29 -37.69
C MET A 394 10.95 12.67 -36.45
N ILE A 395 11.90 11.84 -36.05
CA ILE A 395 12.78 12.16 -34.93
C ILE A 395 13.58 13.42 -35.22
N GLU A 396 13.86 13.68 -36.50
CA GLU A 396 14.65 14.85 -36.87
C GLU A 396 13.86 16.15 -36.65
N GLU A 397 12.60 16.17 -37.08
CA GLU A 397 11.84 17.41 -37.10
C GLU A 397 11.42 17.90 -35.71
N CYS A 398 11.33 17.00 -34.73
CA CYS A 398 10.99 17.39 -33.37
C CYS A 398 12.22 17.65 -32.51
N GLY A 399 13.39 17.80 -33.12
CA GLY A 399 14.60 18.01 -32.37
C GLY A 399 15.16 16.78 -31.68
N GLY A 400 14.62 15.61 -31.97
CA GLY A 400 15.06 14.41 -31.29
C GLY A 400 16.47 13.98 -31.65
N LEU A 401 16.86 14.18 -32.91
CA LEU A 401 18.21 13.82 -33.34
C LEU A 401 19.26 14.63 -32.60
N ASP A 402 18.99 15.92 -32.38
CA ASP A 402 19.91 16.76 -31.63
C ASP A 402 20.16 16.21 -30.23
N LYS A 403 19.10 15.72 -29.58
CA LYS A 403 19.27 15.17 -28.24
C LYS A 403 19.96 13.81 -28.27
N ILE A 404 19.72 13.01 -29.32
CA ILE A 404 20.37 11.70 -29.41
C ILE A 404 21.88 11.87 -29.57
N GLU A 405 22.30 12.76 -30.45
CA GLU A 405 23.73 12.97 -30.65
C GLU A 405 24.36 13.83 -29.56
N ALA A 406 23.55 14.59 -28.80
CA ALA A 406 24.07 15.21 -27.59
C ALA A 406 24.45 14.15 -26.57
N LEU A 407 23.59 13.14 -26.38
CA LEU A 407 23.86 12.07 -25.43
C LEU A 407 25.05 11.20 -25.82
N GLN A 408 25.58 11.37 -27.03
CA GLN A 408 26.90 10.81 -27.34
C GLN A 408 27.97 11.36 -26.42
N ARG A 409 27.68 12.44 -25.69
CA ARG A 409 28.61 13.08 -24.76
C ARG A 409 28.21 12.84 -23.31
N HIS A 410 27.90 11.60 -22.93
CA HIS A 410 27.30 11.34 -21.63
C HIS A 410 28.23 10.54 -20.74
N GLU A 411 28.08 10.76 -19.42
CA GLU A 411 28.95 10.09 -18.45
C GLU A 411 28.71 8.59 -18.43
N ASN A 412 27.46 8.15 -18.52
CA ASN A 412 27.16 6.72 -18.45
C ASN A 412 27.61 6.02 -19.72
N GLU A 413 28.14 4.80 -19.54
CA GLU A 413 28.80 4.12 -20.65
C GLU A 413 27.81 3.59 -21.68
N SER A 414 26.57 3.30 -21.27
CA SER A 414 25.61 2.76 -22.23
C SER A 414 24.72 3.82 -22.86
N VAL A 415 24.47 4.93 -22.17
CA VAL A 415 23.89 6.09 -22.86
C VAL A 415 24.82 6.52 -23.98
N TYR A 416 26.12 6.56 -23.69
CA TYR A 416 27.19 6.71 -24.67
C TYR A 416 26.93 5.89 -25.94
N LYS A 417 26.92 4.56 -25.79
CA LYS A 417 26.96 3.66 -26.94
C LYS A 417 25.61 3.55 -27.62
N ALA A 418 24.51 3.52 -26.85
CA ALA A 418 23.19 3.44 -27.47
C ALA A 418 22.94 4.63 -28.37
N SER A 419 23.34 5.83 -27.94
CA SER A 419 23.18 7.02 -28.76
C SER A 419 23.95 6.90 -30.05
N LEU A 420 25.27 6.65 -29.96
CA LEU A 420 26.09 6.56 -31.16
C LEU A 420 25.62 5.45 -32.08
N ASN A 421 25.18 4.33 -31.51
CA ASN A 421 24.71 3.22 -32.33
C ASN A 421 23.47 3.62 -33.13
N LEU A 422 22.53 4.33 -32.50
CA LEU A 422 21.36 4.80 -33.22
C LEU A 422 21.75 5.81 -34.30
N ILE A 423 22.68 6.71 -33.97
CA ILE A 423 23.18 7.63 -34.98
C ILE A 423 23.83 6.87 -36.12
N GLU A 424 24.60 5.84 -35.79
CA GLU A 424 25.34 5.08 -36.81
C GLU A 424 24.40 4.45 -37.83
N LYS A 425 23.32 3.82 -37.36
CA LYS A 425 22.52 2.94 -38.20
C LYS A 425 21.35 3.63 -38.87
N TYR A 426 20.83 4.70 -38.29
CA TYR A 426 19.59 5.30 -38.79
C TYR A 426 19.74 6.76 -39.18
N PHE A 427 20.90 7.38 -38.96
CA PHE A 427 21.11 8.79 -39.29
C PHE A 427 22.48 8.95 -39.93
N SER A 428 22.59 8.47 -41.17
CA SER A 428 23.85 8.56 -41.92
C SER A 428 23.65 9.35 -43.20
N SER B 2 7.92 -15.23 -13.20
CA SER B 2 7.56 -15.76 -14.51
C SER B 2 7.88 -14.77 -15.63
N ASN B 3 7.14 -13.66 -15.67
CA ASN B 3 7.42 -12.61 -16.66
C ASN B 3 8.56 -11.73 -16.17
N PRO B 4 9.70 -11.69 -16.85
CA PRO B 4 10.86 -10.94 -16.34
C PRO B 4 10.76 -9.44 -16.54
N ALA B 5 9.85 -8.96 -17.39
CA ALA B 5 9.72 -7.52 -17.63
C ALA B 5 8.94 -6.81 -16.53
N LYS B 6 8.27 -7.55 -15.64
CA LYS B 6 7.52 -6.93 -14.55
C LYS B 6 8.45 -6.19 -13.62
N ARG B 7 7.98 -5.05 -13.10
CA ARG B 7 8.76 -4.20 -12.21
C ARG B 7 8.02 -3.95 -10.91
N HIS B 8 8.76 -3.97 -9.80
CA HIS B 8 8.20 -3.55 -8.54
C HIS B 8 8.34 -2.04 -8.39
N ARG B 9 7.81 -1.50 -7.29
CA ARG B 9 7.75 -0.05 -7.11
C ARG B 9 9.16 0.54 -7.01
N GLU B 10 9.39 1.60 -7.78
CA GLU B 10 10.69 2.27 -7.79
C GLU B 10 10.52 3.78 -7.81
N SER C 2 0.29 8.04 3.19
CA SER C 2 0.98 7.13 4.11
C SER C 2 0.04 6.64 5.22
N ASN C 3 -0.43 5.41 5.07
CA ASN C 3 -1.37 4.80 6.01
C ASN C 3 -0.70 4.52 7.34
N PRO C 4 -1.06 5.21 8.42
CA PRO C 4 -0.32 5.05 9.68
C PRO C 4 -0.54 3.68 10.29
N ALA C 5 0.58 3.05 10.70
CA ALA C 5 0.49 1.73 11.32
C ALA C 5 -0.12 1.80 12.71
N LYS C 6 0.09 2.91 13.44
CA LYS C 6 -0.36 3.05 14.81
C LYS C 6 -1.39 4.17 14.94
N ARG C 7 -2.28 4.03 15.92
CA ARG C 7 -3.38 4.97 16.10
C ARG C 7 -3.49 5.35 17.57
N HIS C 8 -3.46 6.65 17.84
CA HIS C 8 -3.62 7.20 19.19
C HIS C 8 -5.10 7.50 19.44
N ARG C 9 -5.58 7.16 20.65
CA ARG C 9 -6.97 7.42 21.00
C ARG C 9 -7.07 8.69 21.85
N GLU C 10 -7.71 9.72 21.28
CA GLU C 10 -7.85 11.03 21.92
C GLU C 10 -9.07 11.11 22.84
N ASP C 11 -10.19 10.51 22.45
CA ASP C 11 -11.40 10.59 23.26
C ASP C 11 -12.42 9.51 22.90
#